data_1F0E
#
_entry.id   1F0E
#
_cell.length_a   1.000
_cell.length_b   1.000
_cell.length_c   1.000
_cell.angle_alpha   90.00
_cell.angle_beta   90.00
_cell.angle_gamma   90.00
#
_symmetry.space_group_name_H-M   'P 1'
#
_entity_poly.entity_id   1
_entity_poly.type   'polypeptide(L)'
_entity_poly.pdbx_seq_one_letter_code
;KWKLFKKIPKFLHSAKKF(NH2)
;
_entity_poly.pdbx_strand_id   A
#
# COMPACT_ATOMS: atom_id res chain seq x y z
N LYS A 1 -12.00 9.54 -8.71
CA LYS A 1 -10.58 9.08 -8.90
C LYS A 1 -10.41 7.68 -8.32
N TRP A 2 -9.25 7.09 -8.52
CA TRP A 2 -9.01 5.73 -7.97
C TRP A 2 -7.56 5.60 -7.49
N LYS A 3 -7.27 4.58 -6.73
CA LYS A 3 -5.88 4.41 -6.22
C LYS A 3 -5.68 2.99 -5.67
N LEU A 4 -5.73 2.00 -6.53
CA LEU A 4 -5.56 0.60 -6.04
C LEU A 4 -4.14 0.40 -5.51
N PHE A 5 -3.22 1.20 -5.95
CA PHE A 5 -1.83 1.06 -5.45
C PHE A 5 -1.77 1.48 -3.98
N LYS A 6 -2.84 2.01 -3.47
CA LYS A 6 -2.87 2.44 -2.04
C LYS A 6 -3.81 1.52 -1.26
N LYS A 7 -4.63 0.79 -1.95
CA LYS A 7 -5.57 -0.13 -1.26
C LYS A 7 -4.76 -1.19 -0.52
N ILE A 8 -3.67 -1.60 -1.11
CA ILE A 8 -2.80 -2.62 -0.47
C ILE A 8 -2.34 -2.11 0.89
N PRO A 9 -2.88 -2.69 1.94
CA PRO A 9 -2.51 -2.28 3.30
C PRO A 9 -1.19 -2.93 3.72
N LYS A 10 -0.97 -4.14 3.31
CA LYS A 10 0.29 -4.84 3.67
C LYS A 10 1.50 -4.00 3.21
N PHE A 11 1.29 -3.13 2.28
CA PHE A 11 2.42 -2.28 1.80
C PHE A 11 2.79 -1.26 2.87
N LEU A 12 1.83 -0.53 3.34
CA LEU A 12 2.11 0.47 4.40
C LEU A 12 2.48 -0.26 5.69
N HIS A 13 2.18 -1.53 5.75
CA HIS A 13 2.54 -2.32 6.96
C HIS A 13 4.06 -2.52 6.99
N SER A 14 4.67 -2.48 5.85
CA SER A 14 6.16 -2.63 5.80
C SER A 14 6.80 -1.26 5.99
N ALA A 15 6.07 -0.24 5.62
CA ALA A 15 6.62 1.15 5.79
C ALA A 15 6.99 1.37 7.24
N LYS A 16 6.13 1.01 8.13
CA LYS A 16 6.41 1.16 9.58
C LYS A 16 7.35 0.05 10.04
N LYS A 17 7.37 -1.03 9.32
CA LYS A 17 8.28 -2.16 9.68
C LYS A 17 9.66 -1.91 9.07
N PHE A 18 9.86 -0.77 8.50
CA PHE A 18 11.18 -0.46 7.88
C PHE A 18 11.79 0.78 8.55
N LYS A 1 1.83 2.07 7.15
CA LYS A 1 1.96 1.91 8.64
C LYS A 1 3.02 0.87 8.99
N TRP A 2 3.14 -0.17 8.20
CA TRP A 2 4.17 -1.21 8.52
C TRP A 2 5.46 -0.93 7.74
N LYS A 3 6.37 -1.87 7.71
CA LYS A 3 7.64 -1.66 6.98
C LYS A 3 7.59 -2.36 5.63
N LEU A 4 7.74 -3.65 5.63
CA LEU A 4 7.70 -4.41 4.35
C LEU A 4 6.37 -4.16 3.64
N PHE A 5 5.42 -3.66 4.35
CA PHE A 5 4.10 -3.36 3.73
C PHE A 5 4.22 -2.12 2.85
N LYS A 6 5.35 -1.46 2.90
CA LYS A 6 5.52 -0.25 2.06
C LYS A 6 6.57 -0.49 0.97
N LYS A 7 7.31 -1.56 1.09
CA LYS A 7 8.33 -1.86 0.04
C LYS A 7 7.63 -2.22 -1.27
N ILE A 8 6.34 -2.42 -1.22
CA ILE A 8 5.58 -2.76 -2.44
C ILE A 8 4.53 -1.67 -2.72
N PRO A 9 4.31 -1.43 -3.98
CA PRO A 9 3.32 -0.39 -4.39
C PRO A 9 1.89 -0.89 -4.16
N LYS A 10 1.60 -1.36 -2.97
CA LYS A 10 0.23 -1.86 -2.70
C LYS A 10 -0.70 -0.68 -2.37
N PHE A 11 -0.19 0.51 -2.37
CA PHE A 11 -1.03 1.69 -2.06
C PHE A 11 -1.77 2.14 -3.33
N LEU A 12 -1.10 2.12 -4.44
CA LEU A 12 -1.75 2.51 -5.72
C LEU A 12 -2.54 1.34 -6.29
N HIS A 13 -2.19 0.16 -5.89
CA HIS A 13 -2.91 -1.05 -6.39
C HIS A 13 -4.32 -1.07 -5.79
N SER A 14 -4.41 -0.77 -4.54
CA SER A 14 -5.75 -0.75 -3.87
C SER A 14 -6.43 0.59 -4.15
N ALA A 15 -5.67 1.55 -4.58
CA ALA A 15 -6.25 2.89 -4.88
C ALA A 15 -7.30 2.75 -5.97
N LYS A 16 -6.92 2.19 -7.07
CA LYS A 16 -7.87 2.00 -8.20
C LYS A 16 -8.82 0.85 -7.87
N LYS A 17 -8.51 0.08 -6.88
CA LYS A 17 -9.38 -1.06 -6.49
C LYS A 17 -10.48 -0.59 -5.55
N PHE A 18 -10.77 0.69 -5.54
CA PHE A 18 -11.84 1.22 -4.63
C PHE A 18 -12.63 2.32 -5.35
N LYS A 1 -12.63 2.07 -9.30
CA LYS A 1 -11.49 1.28 -8.76
C LYS A 1 -10.44 1.03 -9.84
N TRP A 2 -9.21 1.40 -9.60
CA TRP A 2 -8.16 1.19 -10.64
C TRP A 2 -6.78 1.02 -10.00
N LYS A 3 -6.44 1.86 -9.05
CA LYS A 3 -5.08 1.74 -8.42
C LYS A 3 -5.14 1.98 -6.91
N LEU A 4 -6.02 1.30 -6.20
CA LEU A 4 -6.09 1.50 -4.73
C LEU A 4 -4.80 1.00 -4.09
N PHE A 5 -4.04 0.24 -4.83
CA PHE A 5 -2.75 -0.28 -4.29
C PHE A 5 -1.69 0.82 -4.35
N LYS A 6 -2.03 1.94 -4.94
CA LYS A 6 -1.05 3.06 -5.04
C LYS A 6 -1.40 4.14 -4.02
N LYS A 7 -2.61 4.14 -3.55
CA LYS A 7 -3.02 5.17 -2.55
C LYS A 7 -3.08 4.55 -1.16
N ILE A 8 -2.55 3.37 -0.99
CA ILE A 8 -2.57 2.72 0.35
C ILE A 8 -1.15 2.64 0.92
N PRO A 9 -0.92 3.42 1.93
CA PRO A 9 0.42 3.46 2.58
C PRO A 9 0.62 2.31 3.58
N LYS A 10 -0.46 1.71 4.04
CA LYS A 10 -0.32 0.60 5.03
C LYS A 10 0.43 -0.59 4.42
N PHE A 11 0.54 -0.64 3.12
CA PHE A 11 1.26 -1.77 2.48
C PHE A 11 2.76 -1.54 2.54
N LEU A 12 3.17 -0.32 2.42
CA LEU A 12 4.63 -0.01 2.48
C LEU A 12 5.06 0.17 3.95
N HIS A 13 4.11 0.31 4.83
CA HIS A 13 4.45 0.49 6.26
C HIS A 13 4.76 -0.87 6.88
N SER A 14 4.22 -1.90 6.32
CA SER A 14 4.48 -3.27 6.85
C SER A 14 5.75 -3.84 6.25
N ALA A 15 6.18 -3.29 5.15
CA ALA A 15 7.42 -3.80 4.50
C ALA A 15 8.65 -3.23 5.21
N LYS A 16 8.53 -2.06 5.73
CA LYS A 16 9.66 -1.43 6.45
C LYS A 16 9.68 -1.89 7.90
N LYS A 17 8.60 -2.48 8.34
CA LYS A 17 8.52 -2.96 9.75
C LYS A 17 9.12 -4.35 9.87
N PHE A 18 8.51 -5.30 9.24
CA PHE A 18 9.02 -6.70 9.30
C PHE A 18 10.28 -6.84 8.42
N LYS A 1 -12.30 3.93 -10.59
CA LYS A 1 -11.27 3.08 -11.25
C LYS A 1 -9.87 3.62 -10.94
N TRP A 2 -9.12 2.92 -10.13
CA TRP A 2 -7.74 3.40 -9.80
C TRP A 2 -6.94 2.26 -9.14
N LYS A 3 -6.32 2.52 -8.03
CA LYS A 3 -5.52 1.47 -7.33
C LYS A 3 -5.41 1.78 -5.84
N LEU A 4 -6.49 1.68 -5.13
CA LEU A 4 -6.46 1.99 -3.68
C LEU A 4 -5.39 1.16 -2.97
N PHE A 5 -4.94 0.11 -3.59
CA PHE A 5 -3.88 -0.72 -2.98
C PHE A 5 -2.56 0.05 -3.00
N LYS A 6 -2.55 1.17 -3.67
CA LYS A 6 -1.31 1.98 -3.73
C LYS A 6 -1.50 3.29 -2.96
N LYS A 7 -2.71 3.58 -2.59
CA LYS A 7 -2.99 4.82 -1.82
C LYS A 7 -3.29 4.47 -0.38
N ILE A 8 -3.67 3.25 -0.14
CA ILE A 8 -3.97 2.80 1.25
C ILE A 8 -2.71 2.95 2.12
N PRO A 9 -2.92 3.24 3.37
CA PRO A 9 -1.78 3.43 4.31
C PRO A 9 -1.08 2.10 4.62
N LYS A 10 -1.57 1.02 4.07
CA LYS A 10 -0.92 -0.29 4.34
C LYS A 10 0.32 -0.46 3.48
N PHE A 11 0.47 0.36 2.48
CA PHE A 11 1.66 0.25 1.59
C PHE A 11 2.93 0.55 2.39
N LEU A 12 2.88 1.57 3.18
CA LEU A 12 4.07 1.94 4.01
C LEU A 12 4.15 1.04 5.24
N HIS A 13 3.04 0.51 5.64
CA HIS A 13 3.03 -0.39 6.83
C HIS A 13 4.08 -1.47 6.66
N SER A 14 3.89 -2.31 5.69
CA SER A 14 4.87 -3.41 5.44
C SER A 14 6.26 -2.83 5.19
N ALA A 15 6.34 -1.55 4.94
CA ALA A 15 7.67 -0.92 4.70
C ALA A 15 8.55 -1.05 5.93
N LYS A 16 7.96 -0.92 7.07
CA LYS A 16 8.72 -1.03 8.35
C LYS A 16 8.83 -2.49 8.77
N LYS A 17 7.92 -3.29 8.34
CA LYS A 17 7.94 -4.74 8.71
C LYS A 17 9.14 -5.43 8.08
N PHE A 18 9.56 -4.96 6.94
CA PHE A 18 10.73 -5.59 6.27
C PHE A 18 11.75 -4.52 5.88
N LYS A 1 10.50 -7.70 11.06
CA LYS A 1 9.27 -8.35 10.54
C LYS A 1 8.21 -7.28 10.20
N TRP A 2 8.28 -6.14 10.84
CA TRP A 2 7.28 -5.08 10.57
C TRP A 2 7.64 -4.28 9.32
N LYS A 3 6.77 -4.29 8.34
CA LYS A 3 7.05 -3.54 7.08
C LYS A 3 5.74 -2.94 6.56
N LEU A 4 5.21 -1.99 7.28
CA LEU A 4 3.91 -1.37 6.86
C LEU A 4 4.07 -0.60 5.55
N PHE A 5 5.26 -0.22 5.23
CA PHE A 5 5.46 0.52 3.95
C PHE A 5 5.28 -0.43 2.77
N LYS A 6 5.17 -1.70 3.05
CA LYS A 6 4.98 -2.70 1.96
C LYS A 6 3.65 -3.41 2.13
N LYS A 7 3.03 -3.25 3.26
CA LYS A 7 1.71 -3.90 3.50
C LYS A 7 0.58 -2.92 3.21
N ILE A 8 0.91 -1.70 2.92
CA ILE A 8 -0.14 -0.69 2.61
C ILE A 8 0.12 -0.05 1.25
N PRO A 9 0.00 -0.85 0.22
CA PRO A 9 0.22 -0.36 -1.16
C PRO A 9 -0.99 0.45 -1.64
N LYS A 10 -1.47 1.37 -0.84
CA LYS A 10 -2.64 2.19 -1.27
C LYS A 10 -2.21 3.20 -2.32
N PHE A 11 -0.93 3.26 -2.62
CA PHE A 11 -0.44 4.23 -3.64
C PHE A 11 -0.92 3.79 -5.01
N LEU A 12 -0.62 2.59 -5.38
CA LEU A 12 -1.05 2.07 -6.71
C LEU A 12 -2.46 1.50 -6.62
N HIS A 13 -2.84 1.06 -5.46
CA HIS A 13 -4.21 0.49 -5.29
C HIS A 13 -5.24 1.61 -5.42
N SER A 14 -4.94 2.73 -4.85
CA SER A 14 -5.89 3.89 -4.93
C SER A 14 -5.67 4.62 -6.27
N ALA A 15 -4.67 4.22 -7.01
CA ALA A 15 -4.41 4.88 -8.33
C ALA A 15 -5.46 4.45 -9.34
N LYS A 16 -5.67 3.18 -9.46
CA LYS A 16 -6.69 2.68 -10.43
C LYS A 16 -8.08 2.90 -9.86
N LYS A 17 -8.18 3.06 -8.57
CA LYS A 17 -9.51 3.29 -7.94
C LYS A 17 -9.86 4.79 -7.98
N PHE A 18 -8.99 5.59 -8.52
CA PHE A 18 -9.26 7.05 -8.59
C PHE A 18 -8.75 7.62 -9.92
N LYS A 1 -10.63 2.40 -8.30
CA LYS A 1 -9.85 1.15 -8.61
C LYS A 1 -8.56 1.51 -9.35
N TRP A 2 -8.45 2.71 -9.84
CA TRP A 2 -7.22 3.12 -10.56
C TRP A 2 -6.36 4.04 -9.69
N LYS A 3 -6.62 4.07 -8.41
CA LYS A 3 -5.82 4.97 -7.52
C LYS A 3 -5.75 4.43 -6.09
N LEU A 4 -6.27 3.26 -5.84
CA LEU A 4 -6.20 2.70 -4.45
C LEU A 4 -4.88 1.99 -4.23
N PHE A 5 -4.16 1.73 -5.28
CA PHE A 5 -2.85 1.05 -5.13
C PHE A 5 -1.81 2.07 -4.68
N LYS A 6 -2.18 3.32 -4.60
CA LYS A 6 -1.22 4.37 -4.16
C LYS A 6 -1.73 5.05 -2.89
N LYS A 7 -2.93 4.75 -2.50
CA LYS A 7 -3.49 5.38 -1.27
C LYS A 7 -3.53 4.36 -0.13
N ILE A 8 -3.44 3.10 -0.46
CA ILE A 8 -3.46 2.04 0.58
C ILE A 8 -2.21 1.15 0.46
N PRO A 9 -1.10 1.72 0.87
CA PRO A 9 0.19 0.99 0.79
C PRO A 9 0.28 -0.10 1.86
N LYS A 10 -0.32 -1.24 1.63
CA LYS A 10 -0.24 -2.32 2.65
C LYS A 10 1.05 -3.12 2.45
N PHE A 11 1.42 -3.31 1.22
CA PHE A 11 2.67 -4.07 0.92
C PHE A 11 3.85 -3.36 1.55
N LEU A 12 3.81 -2.07 1.58
CA LEU A 12 4.93 -1.29 2.20
C LEU A 12 4.70 -1.19 3.71
N HIS A 13 3.52 -1.54 4.14
CA HIS A 13 3.21 -1.48 5.60
C HIS A 13 4.07 -2.47 6.36
N SER A 14 4.30 -3.61 5.79
CA SER A 14 5.15 -4.63 6.46
C SER A 14 6.62 -4.28 6.27
N ALA A 15 6.90 -3.38 5.38
CA ALA A 15 8.32 -2.99 5.14
C ALA A 15 8.87 -2.23 6.34
N LYS A 16 8.15 -1.26 6.81
CA LYS A 16 8.62 -0.47 7.98
C LYS A 16 8.22 -1.17 9.28
N LYS A 17 7.23 -2.01 9.22
CA LYS A 17 6.77 -2.73 10.44
C LYS A 17 7.58 -4.02 10.65
N PHE A 18 8.77 -4.07 10.13
CA PHE A 18 9.61 -5.29 10.31
C PHE A 18 11.09 -4.92 10.44
N LYS A 1 -6.38 0.46 -13.96
CA LYS A 1 -5.69 1.53 -13.18
C LYS A 1 -6.53 1.90 -11.95
N TRP A 2 -5.94 1.86 -10.79
CA TRP A 2 -6.70 2.21 -9.56
C TRP A 2 -5.84 3.08 -8.65
N LYS A 3 -6.22 3.21 -7.40
CA LYS A 3 -5.41 4.05 -6.47
C LYS A 3 -5.37 3.40 -5.08
N LEU A 4 -5.84 2.19 -4.96
CA LEU A 4 -5.82 1.52 -3.63
C LEU A 4 -4.39 1.50 -3.10
N PHE A 5 -3.44 1.68 -3.97
CA PHE A 5 -2.02 1.70 -3.55
C PHE A 5 -1.74 2.97 -2.72
N LYS A 6 -2.71 3.83 -2.63
CA LYS A 6 -2.51 5.09 -1.84
C LYS A 6 -3.39 5.05 -0.59
N LYS A 7 -4.47 4.32 -0.65
CA LYS A 7 -5.38 4.22 0.54
C LYS A 7 -4.77 3.28 1.59
N ILE A 8 -3.74 2.57 1.20
CA ILE A 8 -3.10 1.62 2.16
C ILE A 8 -2.81 2.32 3.49
N PRO A 9 -3.11 1.63 4.56
CA PRO A 9 -2.88 2.19 5.91
C PRO A 9 -1.40 2.15 6.27
N LYS A 10 -0.92 3.07 7.07
CA LYS A 10 0.51 3.06 7.44
C LYS A 10 0.91 1.70 7.99
N PHE A 11 -0.03 1.01 8.57
CA PHE A 11 0.27 -0.34 9.12
C PHE A 11 0.70 -1.26 7.99
N LEU A 12 -0.07 -1.28 6.96
CA LEU A 12 0.27 -2.14 5.79
C LEU A 12 1.22 -1.37 4.86
N HIS A 13 1.34 -0.09 5.06
CA HIS A 13 2.25 0.72 4.21
C HIS A 13 3.69 0.37 4.53
N SER A 14 4.07 0.54 5.76
CA SER A 14 5.46 0.21 6.16
C SER A 14 5.72 -1.27 5.91
N ALA A 15 4.68 -2.04 5.81
CA ALA A 15 4.85 -3.49 5.53
C ALA A 15 5.17 -3.68 4.05
N LYS A 16 4.99 -2.64 3.28
CA LYS A 16 5.29 -2.72 1.82
C LYS A 16 6.77 -2.49 1.59
N LYS A 17 7.32 -1.56 2.32
CA LYS A 17 8.78 -1.26 2.17
C LYS A 17 9.60 -2.22 3.06
N PHE A 18 8.94 -2.93 3.92
CA PHE A 18 9.66 -3.88 4.82
C PHE A 18 9.08 -5.30 4.65
N LYS A 1 -13.56 2.76 -10.00
CA LYS A 1 -12.25 3.16 -10.59
C LYS A 1 -11.18 3.25 -9.50
N TRP A 2 -10.28 2.31 -9.46
CA TRP A 2 -9.22 2.34 -8.42
C TRP A 2 -7.85 2.05 -9.03
N LYS A 3 -6.85 1.90 -8.23
CA LYS A 3 -5.49 1.61 -8.75
C LYS A 3 -4.61 1.08 -7.62
N LEU A 4 -4.69 -0.19 -7.35
CA LEU A 4 -3.87 -0.78 -6.26
C LEU A 4 -2.38 -0.45 -6.47
N PHE A 5 -2.05 -0.06 -7.66
CA PHE A 5 -0.63 0.27 -7.94
C PHE A 5 -0.25 1.60 -7.27
N LYS A 6 -1.19 2.25 -6.64
CA LYS A 6 -0.87 3.54 -5.98
C LYS A 6 -1.59 3.67 -4.62
N LYS A 7 -2.36 2.69 -4.24
CA LYS A 7 -3.05 2.78 -2.91
C LYS A 7 -2.61 1.61 -2.01
N ILE A 8 -1.70 0.81 -2.48
CA ILE A 8 -1.21 -0.32 -1.65
C ILE A 8 0.25 -0.08 -1.30
N PRO A 9 0.47 0.63 -0.22
CA PRO A 9 1.83 0.97 0.22
C PRO A 9 2.55 -0.26 0.79
N LYS A 10 3.76 -0.48 0.36
CA LYS A 10 4.55 -1.63 0.88
C LYS A 10 5.25 -1.23 2.17
N PHE A 11 5.32 0.04 2.42
CA PHE A 11 5.99 0.53 3.66
C PHE A 11 5.19 0.12 4.91
N LEU A 12 3.91 0.26 4.84
CA LEU A 12 3.06 -0.10 6.01
C LEU A 12 2.72 -1.58 6.00
N HIS A 13 2.72 -2.18 4.85
CA HIS A 13 2.39 -3.65 4.78
C HIS A 13 3.36 -4.44 5.65
N SER A 14 4.62 -4.33 5.38
CA SER A 14 5.63 -5.08 6.18
C SER A 14 5.60 -4.61 7.64
N ALA A 15 5.04 -3.46 7.88
CA ALA A 15 4.96 -2.94 9.27
C ALA A 15 4.18 -3.92 10.14
N LYS A 16 2.97 -4.18 9.76
CA LYS A 16 2.14 -5.14 10.55
C LYS A 16 2.47 -6.57 10.12
N LYS A 17 3.30 -6.73 9.13
CA LYS A 17 3.67 -8.11 8.68
C LYS A 17 4.83 -8.64 9.53
N PHE A 18 5.42 -7.79 10.32
CA PHE A 18 6.56 -8.23 11.18
C PHE A 18 6.03 -8.90 12.45
N LYS A 1 10.07 -7.77 9.36
CA LYS A 1 8.66 -8.21 9.20
C LYS A 1 7.72 -7.26 9.96
N TRP A 2 7.97 -5.98 9.86
CA TRP A 2 7.09 -5.00 10.58
C TRP A 2 6.73 -3.80 9.69
N LYS A 3 7.34 -3.69 8.53
CA LYS A 3 7.00 -2.53 7.64
C LYS A 3 6.23 -3.02 6.40
N LEU A 4 5.31 -3.93 6.60
CA LEU A 4 4.53 -4.45 5.45
C LEU A 4 3.66 -3.33 4.88
N PHE A 5 3.53 -2.26 5.59
CA PHE A 5 2.71 -1.12 5.07
C PHE A 5 3.50 -0.39 3.98
N LYS A 6 4.72 -0.78 3.78
CA LYS A 6 5.55 -0.11 2.73
C LYS A 6 5.84 -1.10 1.60
N LYS A 7 5.56 -2.35 1.82
CA LYS A 7 5.82 -3.36 0.75
C LYS A 7 4.50 -4.01 0.29
N ILE A 8 3.38 -3.45 0.68
CA ILE A 8 2.07 -4.03 0.25
C ILE A 8 1.09 -2.91 -0.07
N PRO A 9 1.43 -2.12 -1.07
CA PRO A 9 0.58 -0.99 -1.49
C PRO A 9 -0.55 -1.47 -2.40
N LYS A 10 -1.48 -2.22 -1.88
CA LYS A 10 -2.60 -2.70 -2.74
C LYS A 10 -3.77 -1.72 -2.67
N PHE A 11 -4.07 -1.25 -1.51
CA PHE A 11 -5.19 -0.29 -1.35
C PHE A 11 -4.95 0.95 -2.23
N LEU A 12 -3.72 1.23 -2.50
CA LEU A 12 -3.39 2.40 -3.36
C LEU A 12 -3.42 2.01 -4.83
N HIS A 13 -2.81 0.91 -5.15
CA HIS A 13 -2.76 0.45 -6.57
C HIS A 13 -4.14 0.49 -7.21
N SER A 14 -5.16 0.41 -6.43
CA SER A 14 -6.55 0.45 -6.98
C SER A 14 -7.01 1.89 -7.14
N ALA A 15 -6.82 2.68 -6.12
CA ALA A 15 -7.23 4.11 -6.19
C ALA A 15 -6.45 4.81 -7.30
N LYS A 16 -5.37 4.21 -7.71
CA LYS A 16 -4.54 4.82 -8.79
C LYS A 16 -5.05 4.41 -10.17
N LYS A 17 -5.37 3.16 -10.33
CA LYS A 17 -5.86 2.67 -11.64
C LYS A 17 -7.37 2.88 -11.79
N PHE A 18 -8.07 2.90 -10.69
CA PHE A 18 -9.55 3.10 -10.76
C PHE A 18 -10.11 3.44 -9.38
N LYS A 1 -11.97 5.69 -6.17
CA LYS A 1 -11.55 5.34 -7.55
C LYS A 1 -10.39 6.25 -7.99
N TRP A 2 -9.18 5.79 -7.85
CA TRP A 2 -8.01 6.62 -8.26
C TRP A 2 -6.84 5.71 -8.65
N LYS A 3 -5.71 5.87 -8.03
CA LYS A 3 -4.55 5.00 -8.37
C LYS A 3 -4.06 4.28 -7.12
N LEU A 4 -4.96 3.95 -6.24
CA LEU A 4 -4.56 3.24 -4.99
C LEU A 4 -4.28 1.78 -5.28
N PHE A 5 -4.94 1.24 -6.26
CA PHE A 5 -4.72 -0.18 -6.61
C PHE A 5 -3.28 -0.35 -7.12
N LYS A 6 -2.61 0.74 -7.36
CA LYS A 6 -1.22 0.67 -7.87
C LYS A 6 -0.28 1.33 -6.86
N LYS A 7 -0.79 2.26 -6.12
CA LYS A 7 0.03 2.96 -5.09
C LYS A 7 -0.17 2.30 -3.72
N ILE A 8 -1.03 1.31 -3.66
CA ILE A 8 -1.26 0.63 -2.36
C ILE A 8 0.07 0.20 -1.75
N PRO A 9 0.47 0.91 -0.74
CA PRO A 9 1.75 0.61 -0.06
C PRO A 9 1.56 -0.48 1.00
N LYS A 10 1.29 -1.70 0.57
CA LYS A 10 1.09 -2.79 1.55
C LYS A 10 2.43 -3.45 1.91
N PHE A 11 3.40 -3.33 1.05
CA PHE A 11 4.72 -3.93 1.35
C PHE A 11 5.43 -3.07 2.38
N LEU A 12 5.21 -1.79 2.32
CA LEU A 12 5.83 -0.87 3.32
C LEU A 12 5.01 -0.91 4.61
N HIS A 13 3.77 -1.28 4.48
CA HIS A 13 2.88 -1.37 5.66
C HIS A 13 3.32 -2.55 6.53
N SER A 14 3.96 -3.51 5.92
CA SER A 14 4.43 -4.70 6.69
C SER A 14 5.80 -4.41 7.30
N ALA A 15 6.45 -3.39 6.83
CA ALA A 15 7.79 -3.03 7.38
C ALA A 15 7.64 -2.38 8.75
N LYS A 16 6.67 -1.54 8.88
CA LYS A 16 6.45 -0.87 10.20
C LYS A 16 5.68 -1.81 11.13
N LYS A 17 5.05 -2.79 10.57
CA LYS A 17 4.27 -3.76 11.39
C LYS A 17 5.20 -4.88 11.88
N PHE A 18 6.46 -4.82 11.54
CA PHE A 18 7.42 -5.88 11.99
C PHE A 18 8.59 -5.25 12.74
N LYS A 1 5.43 -10.03 12.24
CA LYS A 1 6.23 -8.77 12.22
C LYS A 1 6.27 -8.19 10.80
N TRP A 2 5.74 -7.01 10.61
CA TRP A 2 5.75 -6.39 9.26
C TRP A 2 5.70 -4.88 9.37
N LYS A 3 6.05 -4.18 8.32
CA LYS A 3 6.02 -2.68 8.37
C LYS A 3 6.06 -2.10 6.97
N LEU A 4 6.77 -2.73 6.08
CA LEU A 4 6.86 -2.21 4.69
C LEU A 4 5.48 -2.19 4.06
N PHE A 5 4.56 -2.93 4.61
CA PHE A 5 3.18 -2.95 4.07
C PHE A 5 2.46 -1.66 4.48
N LYS A 6 3.11 -0.83 5.26
CA LYS A 6 2.46 0.43 5.70
C LYS A 6 3.28 1.64 5.21
N LYS A 7 4.32 1.39 4.46
CA LYS A 7 5.15 2.52 3.95
C LYS A 7 4.94 2.71 2.45
N ILE A 8 4.09 1.92 1.84
CA ILE A 8 3.84 2.06 0.38
C ILE A 8 2.37 2.38 0.12
N PRO A 9 2.12 3.60 -0.30
CA PRO A 9 0.75 4.04 -0.60
C PRO A 9 0.31 3.60 -2.00
N LYS A 10 1.22 3.09 -2.78
CA LYS A 10 0.87 2.65 -4.16
C LYS A 10 0.22 1.27 -4.13
N PHE A 11 0.22 0.63 -3.00
CA PHE A 11 -0.40 -0.72 -2.91
C PHE A 11 -1.91 -0.62 -3.06
N LEU A 12 -2.53 0.17 -2.24
CA LEU A 12 -4.00 0.35 -2.33
C LEU A 12 -4.35 1.40 -3.36
N HIS A 13 -3.36 2.05 -3.91
CA HIS A 13 -3.61 3.08 -4.94
C HIS A 13 -3.91 2.43 -6.29
N SER A 14 -3.56 1.19 -6.43
CA SER A 14 -3.83 0.48 -7.71
C SER A 14 -5.24 -0.09 -7.70
N ALA A 15 -5.78 -0.31 -6.54
CA ALA A 15 -7.15 -0.86 -6.44
C ALA A 15 -8.16 0.27 -6.64
N LYS A 16 -7.75 1.47 -6.37
CA LYS A 16 -8.66 2.63 -6.55
C LYS A 16 -8.60 3.11 -8.00
N LYS A 17 -7.55 2.76 -8.68
CA LYS A 17 -7.40 3.17 -10.11
C LYS A 17 -8.12 2.18 -11.02
N PHE A 18 -7.41 1.21 -11.50
CA PHE A 18 -8.05 0.20 -12.41
C PHE A 18 -7.75 -1.22 -11.91
N LYS A 1 -8.98 4.60 -8.85
CA LYS A 1 -9.16 6.05 -9.18
C LYS A 1 -7.80 6.74 -9.29
N TRP A 2 -7.02 6.68 -8.25
CA TRP A 2 -5.67 7.32 -8.30
C TRP A 2 -4.79 6.82 -7.13
N LYS A 3 -5.39 6.52 -6.02
CA LYS A 3 -4.59 6.04 -4.85
C LYS A 3 -4.57 4.51 -4.79
N LEU A 4 -4.33 3.85 -5.90
CA LEU A 4 -4.29 2.36 -5.87
C LEU A 4 -3.15 1.92 -4.95
N PHE A 5 -2.22 2.79 -4.73
CA PHE A 5 -1.09 2.46 -3.83
C PHE A 5 -1.56 2.55 -2.38
N LYS A 6 -2.78 2.97 -2.18
CA LYS A 6 -3.31 3.08 -0.79
C LYS A 6 -4.58 2.26 -0.63
N LYS A 7 -5.18 1.85 -1.71
CA LYS A 7 -6.43 1.04 -1.61
C LYS A 7 -6.07 -0.36 -1.08
N ILE A 8 -4.82 -0.70 -1.13
CA ILE A 8 -4.37 -2.02 -0.62
C ILE A 8 -3.72 -1.86 0.75
N PRO A 9 -3.97 -2.79 1.62
CA PRO A 9 -3.40 -2.73 2.99
C PRO A 9 -1.88 -2.95 2.97
N LYS A 10 -1.28 -3.07 1.82
CA LYS A 10 0.19 -3.26 1.77
C LYS A 10 0.91 -1.98 2.18
N PHE A 11 0.19 -0.89 2.26
CA PHE A 11 0.84 0.38 2.67
C PHE A 11 1.16 0.33 4.16
N LEU A 12 0.43 -0.49 4.87
CA LEU A 12 0.67 -0.62 6.33
C LEU A 12 1.79 -1.62 6.57
N HIS A 13 1.82 -2.66 5.80
CA HIS A 13 2.89 -3.68 5.96
C HIS A 13 4.21 -3.11 5.43
N SER A 14 4.12 -2.20 4.52
CA SER A 14 5.34 -1.57 3.96
C SER A 14 5.77 -0.40 4.84
N ALA A 15 4.85 0.13 5.60
CA ALA A 15 5.20 1.26 6.50
C ALA A 15 6.07 0.76 7.65
N LYS A 16 5.71 -0.35 8.20
CA LYS A 16 6.52 -0.93 9.31
C LYS A 16 7.81 -1.53 8.74
N LYS A 17 7.86 -1.69 7.44
CA LYS A 17 9.08 -2.27 6.80
C LYS A 17 10.11 -1.15 6.54
N PHE A 18 9.73 0.07 6.77
CA PHE A 18 10.66 1.21 6.54
C PHE A 18 11.53 1.45 7.77
N LYS A 1 2.96 -8.08 7.80
CA LYS A 1 3.37 -7.97 9.23
C LYS A 1 4.85 -7.59 9.34
N TRP A 2 5.37 -6.92 8.34
CA TRP A 2 6.81 -6.52 8.38
C TRP A 2 6.98 -5.15 7.73
N LYS A 3 8.08 -4.95 7.04
CA LYS A 3 8.30 -3.62 6.38
C LYS A 3 7.54 -3.55 5.06
N LEU A 4 7.02 -4.66 4.60
CA LEU A 4 6.26 -4.65 3.32
C LEU A 4 4.81 -4.25 3.58
N PHE A 5 4.35 -4.51 4.75
CA PHE A 5 2.95 -4.12 5.10
C PHE A 5 2.88 -2.61 5.34
N LYS A 6 3.99 -1.95 5.25
CA LYS A 6 4.00 -0.48 5.49
C LYS A 6 4.58 0.26 4.27
N LYS A 7 5.33 -0.41 3.47
CA LYS A 7 5.93 0.24 2.26
C LYS A 7 5.18 -0.18 0.99
N ILE A 8 4.09 -0.87 1.13
CA ILE A 8 3.33 -1.30 -0.07
C ILE A 8 1.93 -0.68 -0.06
N PRO A 9 1.83 0.48 -0.65
CA PRO A 9 0.53 1.19 -0.71
C PRO A 9 -0.35 0.60 -1.82
N LYS A 10 -0.42 -0.70 -1.93
CA LYS A 10 -1.25 -1.32 -2.98
C LYS A 10 -2.73 -1.23 -2.60
N PHE A 11 -3.02 -0.69 -1.46
CA PHE A 11 -4.43 -0.55 -1.03
C PHE A 11 -5.11 0.52 -1.86
N LEU A 12 -4.52 1.67 -1.92
CA LEU A 12 -5.10 2.77 -2.73
C LEU A 12 -4.65 2.65 -4.19
N HIS A 13 -3.54 2.03 -4.40
CA HIS A 13 -3.02 1.85 -5.79
C HIS A 13 -4.01 1.03 -6.61
N SER A 14 -4.68 0.14 -5.95
CA SER A 14 -5.67 -0.72 -6.67
C SER A 14 -6.95 0.09 -6.91
N ALA A 15 -7.13 1.14 -6.17
CA ALA A 15 -8.34 1.99 -6.37
C ALA A 15 -8.13 2.90 -7.57
N LYS A 16 -6.91 3.04 -7.99
CA LYS A 16 -6.61 3.90 -9.16
C LYS A 16 -6.76 3.09 -10.45
N LYS A 17 -6.48 1.83 -10.38
CA LYS A 17 -6.59 0.97 -11.59
C LYS A 17 -8.03 0.48 -11.77
N PHE A 18 -8.91 0.85 -10.88
CA PHE A 18 -10.33 0.41 -11.00
C PHE A 18 -11.19 1.55 -11.54
N LYS A 1 3.17 -7.87 9.97
CA LYS A 1 1.84 -7.29 9.62
C LYS A 1 1.74 -5.84 10.10
N TRP A 2 2.77 -5.06 9.90
CA TRP A 2 2.74 -3.64 10.36
C TRP A 2 3.90 -2.85 9.70
N LYS A 3 3.60 -2.09 8.67
CA LYS A 3 4.70 -1.30 8.01
C LYS A 3 4.13 -0.07 7.28
N LEU A 4 2.90 0.27 7.56
CA LEU A 4 2.32 1.47 6.89
C LEU A 4 3.14 2.71 7.25
N PHE A 5 3.91 2.60 8.30
CA PHE A 5 4.77 3.73 8.74
C PHE A 5 5.70 4.14 7.59
N LYS A 6 5.84 3.28 6.63
CA LYS A 6 6.73 3.58 5.47
C LYS A 6 5.91 3.73 4.19
N LYS A 7 4.63 3.49 4.27
CA LYS A 7 3.78 3.62 3.05
C LYS A 7 2.62 4.58 3.33
N ILE A 8 2.62 5.20 4.47
CA ILE A 8 1.54 6.16 4.82
C ILE A 8 1.27 7.16 3.69
N PRO A 9 2.28 7.93 3.37
CA PRO A 9 2.16 8.96 2.31
C PRO A 9 1.92 8.34 0.93
N LYS A 10 2.18 7.07 0.78
CA LYS A 10 1.95 6.43 -0.54
C LYS A 10 0.49 6.03 -0.68
N PHE A 11 -0.18 5.84 0.43
CA PHE A 11 -1.62 5.46 0.38
C PHE A 11 -2.45 6.67 -0.02
N LEU A 12 -1.99 7.84 0.31
CA LEU A 12 -2.74 9.07 -0.05
C LEU A 12 -2.36 9.48 -1.47
N HIS A 13 -1.25 9.02 -1.93
CA HIS A 13 -0.80 9.35 -3.31
C HIS A 13 -1.77 8.74 -4.31
N SER A 14 -2.18 7.55 -4.05
CA SER A 14 -3.15 6.87 -4.96
C SER A 14 -4.59 7.25 -4.60
N ALA A 15 -4.77 7.82 -3.44
CA ALA A 15 -6.14 8.22 -3.02
C ALA A 15 -6.56 9.48 -3.77
N LYS A 16 -5.59 10.26 -4.16
CA LYS A 16 -5.90 11.50 -4.92
C LYS A 16 -5.98 11.19 -6.41
N LYS A 17 -5.16 10.30 -6.86
CA LYS A 17 -5.17 9.93 -8.30
C LYS A 17 -6.24 8.86 -8.57
N PHE A 18 -6.97 8.49 -7.56
CA PHE A 18 -8.04 7.46 -7.75
C PHE A 18 -9.29 7.83 -6.96
N LYS A 1 6.23 -1.63 14.54
CA LYS A 1 5.89 -1.14 13.16
C LYS A 1 6.32 -2.18 12.12
N TRP A 2 5.55 -2.34 11.08
CA TRP A 2 5.91 -3.33 10.02
C TRP A 2 6.75 -2.65 8.93
N LYS A 3 7.59 -3.40 8.27
CA LYS A 3 8.44 -2.81 7.19
C LYS A 3 7.70 -2.86 5.85
N LEU A 4 6.63 -3.61 5.80
CA LEU A 4 5.85 -3.70 4.55
C LEU A 4 5.02 -2.43 4.36
N PHE A 5 4.89 -1.66 5.40
CA PHE A 5 4.11 -0.40 5.31
C PHE A 5 4.80 0.57 4.34
N LYS A 6 6.00 0.26 3.97
CA LYS A 6 6.74 1.14 3.03
C LYS A 6 7.02 0.39 1.73
N LYS A 7 6.95 -0.91 1.77
CA LYS A 7 7.19 -1.70 0.53
C LYS A 7 5.89 -1.85 -0.26
N ILE A 8 4.80 -1.43 0.32
CA ILE A 8 3.49 -1.54 -0.39
C ILE A 8 3.00 -0.14 -0.80
N PRO A 9 2.70 0.00 -2.06
CA PRO A 9 2.22 1.30 -2.58
C PRO A 9 0.74 1.50 -2.23
N LYS A 10 0.46 2.00 -1.06
CA LYS A 10 -0.96 2.23 -0.67
C LYS A 10 -1.61 3.20 -1.64
N PHE A 11 -0.82 4.00 -2.29
CA PHE A 11 -1.38 4.97 -3.28
C PHE A 11 -1.90 4.22 -4.50
N LEU A 12 -1.41 3.03 -4.71
CA LEU A 12 -1.86 2.23 -5.88
C LEU A 12 -3.14 1.47 -5.53
N HIS A 13 -3.41 1.32 -4.27
CA HIS A 13 -4.65 0.58 -3.87
C HIS A 13 -5.87 1.47 -4.10
N SER A 14 -5.78 2.70 -3.69
CA SER A 14 -6.91 3.64 -3.90
C SER A 14 -6.99 4.02 -5.37
N ALA A 15 -5.94 3.80 -6.09
CA ALA A 15 -5.95 4.11 -7.54
C ALA A 15 -6.63 2.97 -8.30
N LYS A 16 -6.83 1.88 -7.62
CA LYS A 16 -7.50 0.71 -8.26
C LYS A 16 -9.01 0.88 -8.17
N LYS A 17 -9.46 1.31 -7.04
CA LYS A 17 -10.93 1.52 -6.84
C LYS A 17 -11.32 2.91 -7.34
N PHE A 18 -10.36 3.75 -7.56
CA PHE A 18 -10.65 5.13 -8.05
C PHE A 18 -10.21 5.28 -9.50
N LYS A 1 -6.51 0.97 -10.94
CA LYS A 1 -6.01 1.53 -12.24
C LYS A 1 -5.33 2.88 -12.00
N TRP A 2 -5.94 3.75 -11.26
CA TRP A 2 -5.31 5.08 -11.00
C TRP A 2 -5.23 5.35 -9.50
N LYS A 3 -5.45 4.35 -8.69
CA LYS A 3 -5.36 4.57 -7.21
C LYS A 3 -4.61 3.41 -6.55
N LEU A 4 -3.36 3.25 -6.87
CA LEU A 4 -2.57 2.16 -6.24
C LEU A 4 -2.08 2.63 -4.89
N PHE A 5 -1.96 3.91 -4.73
CA PHE A 5 -1.51 4.47 -3.44
C PHE A 5 -2.68 4.47 -2.45
N LYS A 6 -3.85 4.10 -2.92
CA LYS A 6 -5.04 4.08 -2.02
C LYS A 6 -5.60 2.65 -1.93
N LYS A 7 -5.14 1.78 -2.78
CA LYS A 7 -5.64 0.38 -2.76
C LYS A 7 -4.55 -0.54 -2.18
N ILE A 8 -3.43 0.01 -1.79
CA ILE A 8 -2.35 -0.83 -1.24
C ILE A 8 -2.76 -1.41 0.12
N PRO A 9 -2.55 -2.69 0.28
CA PRO A 9 -2.88 -3.38 1.54
C PRO A 9 -1.84 -3.05 2.62
N LYS A 10 -2.21 -2.31 3.63
CA LYS A 10 -1.22 -1.97 4.69
C LYS A 10 -1.11 -3.11 5.70
N PHE A 11 -1.68 -4.24 5.40
CA PHE A 11 -1.59 -5.40 6.34
C PHE A 11 -0.17 -5.95 6.30
N LEU A 12 0.16 -6.58 5.22
CA LEU A 12 1.52 -7.17 5.08
C LEU A 12 2.49 -6.12 4.57
N HIS A 13 2.01 -4.96 4.21
CA HIS A 13 2.94 -3.90 3.73
C HIS A 13 3.68 -3.31 4.93
N SER A 14 3.03 -3.24 6.05
CA SER A 14 3.69 -2.70 7.27
C SER A 14 4.80 -3.64 7.70
N ALA A 15 4.76 -4.85 7.24
CA ALA A 15 5.82 -5.84 7.60
C ALA A 15 7.06 -5.57 6.77
N LYS A 16 6.87 -5.14 5.56
CA LYS A 16 8.04 -4.84 4.68
C LYS A 16 8.55 -3.43 4.98
N LYS A 17 7.74 -2.62 5.60
CA LYS A 17 8.16 -1.25 5.94
C LYS A 17 8.91 -1.25 7.28
N PHE A 18 8.83 -2.32 7.99
CA PHE A 18 9.54 -2.40 9.31
C PHE A 18 10.97 -1.88 9.18
N LYS A 1 7.90 -10.21 7.26
CA LYS A 1 8.19 -9.67 8.62
C LYS A 1 7.16 -8.60 9.00
N TRP A 2 7.23 -7.45 8.38
CA TRP A 2 6.26 -6.38 8.70
C TRP A 2 5.03 -6.50 7.80
N LYS A 3 4.09 -5.59 7.92
CA LYS A 3 2.86 -5.68 7.08
C LYS A 3 2.61 -4.36 6.36
N LEU A 4 2.59 -3.29 7.08
CA LEU A 4 2.35 -1.96 6.44
C LEU A 4 3.29 -1.75 5.26
N PHE A 5 4.39 -2.44 5.26
CA PHE A 5 5.34 -2.30 4.12
C PHE A 5 4.79 -3.03 2.90
N LYS A 6 3.67 -3.67 3.05
CA LYS A 6 3.07 -4.42 1.89
C LYS A 6 1.73 -3.80 1.48
N LYS A 7 1.28 -2.81 2.20
CA LYS A 7 -0.02 -2.17 1.84
C LYS A 7 0.11 -0.64 1.83
N ILE A 8 1.32 -0.15 1.89
CA ILE A 8 1.51 1.33 1.89
C ILE A 8 1.50 1.87 0.45
N PRO A 9 2.38 1.34 -0.37
CA PRO A 9 2.46 1.80 -1.79
C PRO A 9 1.29 1.21 -2.60
N LYS A 10 0.97 -0.04 -2.39
CA LYS A 10 -0.15 -0.67 -3.15
C LYS A 10 -1.48 -0.01 -2.78
N PHE A 11 -1.46 0.84 -1.80
CA PHE A 11 -2.73 1.52 -1.39
C PHE A 11 -3.24 2.41 -2.52
N LEU A 12 -2.34 3.12 -3.14
CA LEU A 12 -2.75 4.02 -4.26
C LEU A 12 -2.84 3.23 -5.56
N HIS A 13 -1.96 2.31 -5.74
CA HIS A 13 -1.98 1.49 -6.99
C HIS A 13 -3.38 0.94 -7.23
N SER A 14 -4.13 0.77 -6.19
CA SER A 14 -5.52 0.23 -6.34
C SER A 14 -6.51 1.35 -6.61
N ALA A 15 -6.22 2.52 -6.12
CA ALA A 15 -7.15 3.67 -6.33
C ALA A 15 -7.21 4.03 -7.81
N LYS A 16 -6.14 3.83 -8.51
CA LYS A 16 -6.13 4.14 -9.96
C LYS A 16 -6.65 2.95 -10.76
N LYS A 17 -6.25 1.79 -10.37
CA LYS A 17 -6.70 0.56 -11.08
C LYS A 17 -8.05 0.08 -10.52
N PHE A 18 -8.58 0.80 -9.57
CA PHE A 18 -9.88 0.38 -8.97
C PHE A 18 -10.56 1.57 -8.27
N LYS A 1 -1.20 -7.93 7.03
CA LYS A 1 0.05 -7.14 6.88
C LYS A 1 0.10 -6.03 7.94
N TRP A 2 1.27 -5.76 8.45
CA TRP A 2 1.40 -4.69 9.49
C TRP A 2 2.44 -3.66 9.05
N LYS A 3 3.53 -4.11 8.48
CA LYS A 3 4.58 -3.17 8.01
C LYS A 3 4.35 -2.81 6.54
N LEU A 4 3.12 -2.55 6.18
CA LEU A 4 2.82 -2.21 4.75
C LEU A 4 3.36 -0.83 4.41
N PHE A 5 3.88 -0.13 5.36
CA PHE A 5 4.44 1.23 5.08
C PHE A 5 5.77 1.11 4.34
N LYS A 6 6.26 -0.09 4.18
CA LYS A 6 7.55 -0.28 3.46
C LYS A 6 7.43 -1.35 2.38
N LYS A 7 6.39 -2.14 2.44
CA LYS A 7 6.21 -3.21 1.42
C LYS A 7 4.86 -3.03 0.73
N ILE A 8 4.45 -1.82 0.55
CA ILE A 8 3.14 -1.54 -0.10
C ILE A 8 3.07 -2.26 -1.47
N PRO A 9 2.07 -3.09 -1.61
CA PRO A 9 1.89 -3.84 -2.88
C PRO A 9 1.28 -2.94 -3.95
N LYS A 10 1.65 -3.14 -5.19
CA LYS A 10 1.08 -2.30 -6.27
C LYS A 10 -0.44 -2.35 -6.24
N PHE A 11 -0.97 -3.41 -5.71
CA PHE A 11 -2.45 -3.54 -5.63
C PHE A 11 -3.01 -2.47 -4.71
N LEU A 12 -2.20 -2.00 -3.82
CA LEU A 12 -2.65 -0.93 -2.88
C LEU A 12 -2.44 0.44 -3.54
N HIS A 13 -1.70 0.47 -4.62
CA HIS A 13 -1.47 1.75 -5.33
C HIS A 13 -2.73 2.16 -6.07
N SER A 14 -3.28 1.25 -6.80
CA SER A 14 -4.54 1.55 -7.56
C SER A 14 -5.70 1.71 -6.57
N ALA A 15 -5.49 1.31 -5.35
CA ALA A 15 -6.58 1.44 -4.33
C ALA A 15 -6.63 2.89 -3.83
N LYS A 16 -5.51 3.53 -3.84
CA LYS A 16 -5.47 4.95 -3.39
C LYS A 16 -5.80 5.86 -4.57
N LYS A 17 -5.44 5.44 -5.74
CA LYS A 17 -5.72 6.24 -6.96
C LYS A 17 -7.12 5.92 -7.48
N PHE A 18 -7.92 5.25 -6.70
CA PHE A 18 -9.29 4.90 -7.15
C PHE A 18 -10.33 5.65 -6.32
N LYS A 1 8.73 -7.38 12.40
CA LYS A 1 9.91 -6.78 11.70
C LYS A 1 9.65 -6.71 10.19
N TRP A 2 8.68 -7.44 9.70
CA TRP A 2 8.37 -7.41 8.24
C TRP A 2 8.19 -5.96 7.78
N LYS A 3 7.81 -5.76 6.55
CA LYS A 3 7.61 -4.36 6.05
C LYS A 3 6.69 -4.36 4.83
N LEU A 4 6.95 -5.21 3.91
CA LEU A 4 6.10 -5.27 2.68
C LEU A 4 4.67 -5.65 3.03
N PHE A 5 4.47 -6.12 4.22
CA PHE A 5 3.10 -6.51 4.64
C PHE A 5 2.35 -5.28 5.16
N LYS A 6 3.00 -4.15 5.15
CA LYS A 6 2.32 -2.91 5.64
C LYS A 6 2.59 -1.74 4.70
N LYS A 7 3.11 -2.01 3.54
CA LYS A 7 3.39 -0.89 2.59
C LYS A 7 2.96 -1.30 1.17
N ILE A 8 2.02 -2.21 1.07
CA ILE A 8 1.56 -2.63 -0.28
C ILE A 8 0.09 -2.24 -0.53
N PRO A 9 -0.32 -1.10 -0.03
CA PRO A 9 -1.72 -0.65 -0.24
C PRO A 9 -1.90 -0.13 -1.67
N LYS A 10 -0.83 -0.04 -2.41
CA LYS A 10 -0.93 0.46 -3.81
C LYS A 10 -1.53 -0.61 -4.73
N PHE A 11 -1.91 -1.74 -4.19
CA PHE A 11 -2.49 -2.81 -5.04
C PHE A 11 -3.92 -2.44 -5.43
N LEU A 12 -4.77 -2.28 -4.46
CA LEU A 12 -6.18 -1.92 -4.75
C LEU A 12 -6.32 -0.40 -4.88
N HIS A 13 -5.28 0.32 -4.58
CA HIS A 13 -5.34 1.81 -4.69
C HIS A 13 -5.25 2.20 -6.16
N SER A 14 -4.17 1.86 -6.78
CA SER A 14 -4.00 2.19 -8.22
C SER A 14 -4.86 1.26 -9.08
N ALA A 15 -5.43 0.26 -8.47
CA ALA A 15 -6.29 -0.68 -9.25
C ALA A 15 -7.66 -0.04 -9.48
N LYS A 16 -8.05 0.82 -8.61
CA LYS A 16 -9.37 1.51 -8.76
C LYS A 16 -9.20 2.73 -9.66
N LYS A 17 -8.02 3.26 -9.71
CA LYS A 17 -7.76 4.45 -10.56
C LYS A 17 -7.45 4.01 -12.00
N PHE A 18 -7.49 2.72 -12.26
CA PHE A 18 -7.21 2.24 -13.63
C PHE A 18 -8.43 1.50 -14.19
N LYS A 1 -11.11 4.86 -3.31
CA LYS A 1 -9.68 5.23 -3.10
C LYS A 1 -8.85 3.99 -2.75
N TRP A 2 -8.32 3.31 -3.72
CA TRP A 2 -7.51 2.09 -3.42
C TRP A 2 -6.68 1.70 -4.66
N LYS A 3 -5.88 2.61 -5.15
CA LYS A 3 -5.04 2.29 -6.35
C LYS A 3 -3.55 2.31 -5.96
N LEU A 4 -3.25 2.63 -4.73
CA LEU A 4 -1.83 2.67 -4.30
C LEU A 4 -1.29 1.25 -4.15
N PHE A 5 -2.15 0.29 -4.03
CA PHE A 5 -1.70 -1.12 -3.91
C PHE A 5 -1.09 -1.57 -5.23
N LYS A 6 -1.23 -0.76 -6.24
CA LYS A 6 -0.67 -1.12 -7.58
C LYS A 6 0.48 -0.19 -7.94
N LYS A 7 0.66 0.86 -7.19
CA LYS A 7 1.78 1.80 -7.48
C LYS A 7 2.62 2.03 -6.22
N ILE A 8 2.65 1.05 -5.36
CA ILE A 8 3.44 1.18 -4.11
C ILE A 8 4.32 -0.06 -3.91
N PRO A 9 5.57 0.17 -3.60
CA PRO A 9 6.52 -0.95 -3.39
C PRO A 9 6.24 -1.63 -2.05
N LYS A 10 7.20 -2.35 -1.53
CA LYS A 10 7.00 -3.05 -0.23
C LYS A 10 7.10 -2.06 0.94
N PHE A 11 7.26 -0.80 0.66
CA PHE A 11 7.35 0.20 1.75
C PHE A 11 6.01 0.30 2.46
N LEU A 12 5.01 0.68 1.74
CA LEU A 12 3.66 0.80 2.35
C LEU A 12 2.94 -0.56 2.29
N HIS A 13 3.50 -1.49 1.58
CA HIS A 13 2.87 -2.84 1.48
C HIS A 13 2.87 -3.52 2.84
N SER A 14 3.92 -3.34 3.59
CA SER A 14 3.99 -3.98 4.93
C SER A 14 3.25 -3.10 5.95
N ALA A 15 2.72 -1.99 5.52
CA ALA A 15 1.98 -1.11 6.46
C ALA A 15 0.57 -1.64 6.67
N LYS A 16 -0.13 -1.86 5.60
CA LYS A 16 -1.52 -2.39 5.70
C LYS A 16 -1.48 -3.87 6.06
N LYS A 17 -0.35 -4.49 5.89
CA LYS A 17 -0.24 -5.94 6.22
C LYS A 17 0.09 -6.12 7.70
N PHE A 18 1.34 -6.15 8.03
CA PHE A 18 1.74 -6.33 9.46
C PHE A 18 3.02 -5.55 9.76
#